data_3TJ6
#
_entry.id   3TJ6
#
_cell.length_a   141.373
_cell.length_b   141.373
_cell.length_c   141.373
_cell.angle_alpha   90.00
_cell.angle_beta   90.00
_cell.angle_gamma   90.00
#
_symmetry.space_group_name_H-M   'I 21 3'
#
loop_
_entity.id
_entity.type
_entity.pdbx_description
1 polymer Vinculin
2 polymer 'Antigenic heat-stable 120 kDa protein'
3 water water
#
loop_
_entity_poly.entity_id
_entity_poly.type
_entity_poly.pdbx_seq_one_letter_code
_entity_poly.pdbx_strand_id
1 'polypeptide(L)'
;MPVFHTRTIESILEPVAQQISHLVIMHEEGEVDGKAIPDLTAPVAAVQAAVSNLVRVGKETVQTTEDQILKRDMPPAFIK
VENACTKLVQAAQMLQSDPYSVPARDYLIDGSRGILSGTSDLLLTFDEAEVRKIIRVCKGILEYLTVAEVVETMEDLVTY
TKNLGPGMTKMAKMIDERQQELTHQEHRVMLVNSMNTVKELLPVLISAMKIFVTTKNSKNQGIEEALKNRNFTVEKMSAE
INEIIRVLQLTSWDEDA
;
A
2 'polypeptide(L)' DDIYNKAREVINAVNPVIEALEK B
#
# COMPACT_ATOMS: atom_id res chain seq x y z
N MET A 1 -6.22 16.16 -4.49
CA MET A 1 -5.15 16.41 -3.52
C MET A 1 -3.82 15.68 -3.91
N PRO A 2 -3.74 14.32 -4.12
CA PRO A 2 -2.44 13.71 -4.46
C PRO A 2 -2.13 13.77 -5.97
N VAL A 3 -0.98 14.40 -6.33
CA VAL A 3 -0.55 14.54 -7.74
C VAL A 3 -0.04 13.15 -8.24
N PHE A 4 1.02 12.60 -7.61
CA PHE A 4 1.60 11.32 -8.02
C PHE A 4 1.11 10.14 -7.20
N HIS A 5 1.09 8.98 -7.85
CA HIS A 5 0.76 7.67 -7.26
C HIS A 5 1.85 6.70 -7.67
N THR A 6 1.73 5.44 -7.22
CA THR A 6 2.66 4.40 -7.61
C THR A 6 2.39 4.02 -9.06
N ARG A 7 3.35 3.31 -9.71
CA ARG A 7 3.20 2.84 -11.08
C ARG A 7 1.95 1.90 -11.20
N THR A 8 1.63 1.14 -10.12
CA THR A 8 0.50 0.21 -10.03
C THR A 8 -0.80 1.02 -9.98
N ILE A 9 -0.98 1.92 -8.99
CA ILE A 9 -2.20 2.71 -8.82
C ILE A 9 -2.46 3.57 -10.10
N GLU A 10 -1.40 4.22 -10.68
CA GLU A 10 -1.52 5.01 -11.93
C GLU A 10 -2.13 4.17 -13.03
N SER A 11 -1.68 2.91 -13.16
CA SER A 11 -2.14 1.97 -14.17
C SER A 11 -3.60 1.54 -13.90
N ILE A 12 -3.95 1.23 -12.62
CA ILE A 12 -5.30 0.83 -12.25
C ILE A 12 -6.27 2.01 -12.45
N LEU A 13 -5.86 3.23 -12.05
CA LEU A 13 -6.72 4.41 -12.11
C LEU A 13 -6.69 5.14 -13.47
N GLU A 14 -5.81 4.71 -14.41
CA GLU A 14 -5.70 5.28 -15.76
C GLU A 14 -7.05 5.20 -16.50
N PRO A 15 -7.68 4.01 -16.66
CA PRO A 15 -8.96 3.97 -17.40
C PRO A 15 -10.12 4.67 -16.69
N VAL A 16 -10.08 4.72 -15.34
CA VAL A 16 -11.11 5.28 -14.45
C VAL A 16 -11.42 6.73 -14.81
N ALA A 17 -10.37 7.53 -15.12
CA ALA A 17 -10.50 8.93 -15.52
C ALA A 17 -11.46 9.08 -16.68
N GLN A 18 -11.27 8.30 -17.76
CA GLN A 18 -12.15 8.34 -18.93
C GLN A 18 -13.55 7.81 -18.61
N GLN A 19 -13.65 6.81 -17.72
CA GLN A 19 -14.91 6.23 -17.28
C GLN A 19 -15.79 7.30 -16.61
N ILE A 20 -15.19 8.08 -15.67
CA ILE A 20 -15.87 9.17 -14.93
C ILE A 20 -16.24 10.28 -15.91
N SER A 21 -15.34 10.65 -16.85
CA SER A 21 -15.60 11.68 -17.88
C SER A 21 -16.84 11.33 -18.68
N HIS A 22 -17.06 10.03 -18.98
CA HIS A 22 -18.24 9.56 -19.71
C HIS A 22 -19.49 9.54 -18.81
N LEU A 23 -19.37 9.03 -17.56
CA LEU A 23 -20.47 8.96 -16.60
C LEU A 23 -21.03 10.34 -16.21
N VAL A 24 -20.17 11.37 -16.18
CA VAL A 24 -20.51 12.75 -15.83
C VAL A 24 -21.31 13.43 -17.00
N ILE A 25 -21.09 12.96 -18.24
CA ILE A 25 -21.76 13.45 -19.46
C ILE A 25 -23.26 13.03 -19.48
N MET A 26 -23.56 11.74 -19.19
CA MET A 26 -24.87 11.04 -19.18
C MET A 26 -26.09 11.93 -18.79
N HIS A 27 -25.94 12.78 -17.75
CA HIS A 27 -27.01 13.66 -17.22
C HIS A 27 -27.49 14.73 -18.24
N GLU A 28 -26.63 15.06 -19.23
CA GLU A 28 -26.93 16.02 -20.30
C GLU A 28 -27.36 15.28 -21.58
N GLU A 29 -26.54 14.29 -22.03
CA GLU A 29 -26.76 13.49 -23.23
C GLU A 29 -27.78 12.38 -22.95
N GLY A 34 -34.99 8.51 -27.06
CA GLY A 34 -35.10 7.07 -26.88
C GLY A 34 -34.37 6.55 -25.66
N LYS A 35 -34.48 5.23 -25.40
CA LYS A 35 -33.83 4.58 -24.26
C LYS A 35 -33.38 3.14 -24.62
N ALA A 36 -34.18 2.11 -24.23
CA ALA A 36 -33.97 0.67 -24.44
C ALA A 36 -32.62 0.20 -23.85
N ILE A 37 -32.62 -0.15 -22.55
CA ILE A 37 -31.43 -0.66 -21.86
C ILE A 37 -31.37 -2.19 -22.05
N PRO A 38 -30.24 -2.73 -22.56
CA PRO A 38 -30.20 -4.18 -22.82
C PRO A 38 -29.93 -5.03 -21.56
N ASP A 39 -31.03 -5.58 -20.98
CA ASP A 39 -31.10 -6.48 -19.81
C ASP A 39 -30.26 -5.98 -18.58
N LEU A 40 -28.92 -6.21 -18.61
CA LEU A 40 -27.92 -5.83 -17.61
C LEU A 40 -27.99 -6.63 -16.27
N THR A 41 -28.72 -7.75 -16.23
CA THR A 41 -28.81 -8.56 -15.00
C THR A 41 -27.46 -9.28 -14.72
N ALA A 42 -26.84 -9.86 -15.78
CA ALA A 42 -25.57 -10.59 -15.71
C ALA A 42 -24.36 -9.64 -15.42
N PRO A 43 -24.15 -8.49 -16.11
CA PRO A 43 -22.99 -7.65 -15.78
C PRO A 43 -23.07 -7.05 -14.37
N VAL A 44 -24.29 -6.80 -13.85
CA VAL A 44 -24.54 -6.24 -12.52
C VAL A 44 -24.23 -7.33 -11.46
N ALA A 45 -24.52 -8.60 -11.76
CA ALA A 45 -24.21 -9.73 -10.86
C ALA A 45 -22.68 -9.84 -10.63
N ALA A 46 -21.90 -9.51 -11.69
CA ALA A 46 -20.44 -9.52 -11.67
C ALA A 46 -19.91 -8.41 -10.77
N VAL A 47 -20.52 -7.20 -10.84
CA VAL A 47 -20.17 -6.03 -10.02
C VAL A 47 -20.41 -6.38 -8.56
N GLN A 48 -21.60 -6.92 -8.22
CA GLN A 48 -21.96 -7.34 -6.87
C GLN A 48 -20.92 -8.33 -6.32
N ALA A 49 -20.52 -9.33 -7.15
CA ALA A 49 -19.50 -10.33 -6.82
C ALA A 49 -18.13 -9.66 -6.59
N ALA A 50 -17.75 -8.72 -7.48
CA ALA A 50 -16.50 -7.96 -7.43
C ALA A 50 -16.45 -7.04 -6.21
N VAL A 51 -17.54 -6.27 -5.96
CA VAL A 51 -17.71 -5.32 -4.86
C VAL A 51 -17.63 -6.07 -3.51
N SER A 52 -18.37 -7.20 -3.37
CA SER A 52 -18.39 -7.98 -2.13
C SER A 52 -17.01 -8.52 -1.80
N ASN A 53 -16.24 -8.97 -2.83
CA ASN A 53 -14.87 -9.46 -2.64
C ASN A 53 -13.97 -8.35 -2.18
N LEU A 54 -14.09 -7.14 -2.78
CA LEU A 54 -13.29 -5.97 -2.42
C LEU A 54 -13.60 -5.53 -0.99
N VAL A 55 -14.89 -5.42 -0.63
CA VAL A 55 -15.33 -5.03 0.72
C VAL A 55 -14.83 -6.09 1.73
N ARG A 56 -14.92 -7.39 1.39
CA ARG A 56 -14.46 -8.48 2.26
C ARG A 56 -12.98 -8.30 2.58
N VAL A 57 -12.13 -8.26 1.53
CA VAL A 57 -10.67 -8.07 1.63
C VAL A 57 -10.41 -6.78 2.42
N GLY A 58 -11.16 -5.73 2.10
CA GLY A 58 -11.08 -4.44 2.77
C GLY A 58 -11.36 -4.54 4.26
N LYS A 59 -12.48 -5.21 4.63
CA LYS A 59 -12.90 -5.41 6.02
C LYS A 59 -11.90 -6.29 6.79
N GLU A 60 -11.24 -7.26 6.10
CA GLU A 60 -10.19 -8.11 6.68
C GLU A 60 -8.99 -7.25 7.11
N THR A 61 -8.62 -6.28 6.25
CA THR A 61 -7.52 -5.34 6.47
C THR A 61 -7.81 -4.43 7.66
N VAL A 62 -9.03 -3.85 7.72
CA VAL A 62 -9.47 -2.98 8.81
C VAL A 62 -9.43 -3.75 10.15
N GLN A 63 -9.81 -5.05 10.14
CA GLN A 63 -9.84 -5.88 11.33
C GLN A 63 -8.42 -6.29 11.79
N THR A 64 -7.50 -6.57 10.84
CA THR A 64 -6.15 -7.03 11.16
C THR A 64 -5.10 -5.88 11.26
N THR A 65 -5.46 -4.63 10.89
CA THR A 65 -4.51 -3.51 10.90
C THR A 65 -4.25 -2.95 12.31
N GLU A 66 -3.09 -2.30 12.45
CA GLU A 66 -2.58 -1.64 13.65
C GLU A 66 -2.81 -0.13 13.49
N ASP A 67 -2.99 0.32 12.22
CA ASP A 67 -3.16 1.70 11.77
C ASP A 67 -4.56 2.23 12.06
N GLN A 68 -4.63 3.30 12.84
CA GLN A 68 -5.88 3.95 13.23
C GLN A 68 -6.46 4.82 12.11
N ILE A 69 -5.59 5.41 11.25
CA ILE A 69 -6.04 6.23 10.11
C ILE A 69 -6.78 5.34 9.12
N LEU A 70 -6.23 4.14 8.84
CA LEU A 70 -6.81 3.13 7.96
C LEU A 70 -8.14 2.64 8.51
N LYS A 71 -8.15 2.26 9.81
CA LYS A 71 -9.32 1.78 10.57
C LYS A 71 -10.47 2.77 10.54
N ARG A 72 -10.15 4.06 10.37
CA ARG A 72 -11.10 5.16 10.33
C ARG A 72 -11.50 5.53 8.88
N ASP A 73 -10.53 5.79 7.99
CA ASP A 73 -10.77 6.25 6.63
C ASP A 73 -11.26 5.18 5.66
N MET A 74 -10.97 3.90 5.90
CA MET A 74 -11.38 2.83 4.98
C MET A 74 -12.88 2.47 5.08
N PRO A 75 -13.47 2.22 6.29
CA PRO A 75 -14.89 1.82 6.33
C PRO A 75 -15.88 2.76 5.61
N PRO A 76 -15.75 4.11 5.57
CA PRO A 76 -16.72 4.93 4.82
C PRO A 76 -16.72 4.64 3.31
N ALA A 77 -15.57 4.21 2.75
CA ALA A 77 -15.44 3.88 1.33
C ALA A 77 -16.23 2.60 0.96
N PHE A 78 -16.26 1.58 1.87
CA PHE A 78 -17.03 0.34 1.65
C PHE A 78 -18.51 0.67 1.52
N ILE A 79 -19.03 1.53 2.42
CA ILE A 79 -20.41 2.02 2.46
C ILE A 79 -20.70 2.74 1.13
N LYS A 80 -19.78 3.63 0.68
CA LYS A 80 -19.90 4.37 -0.58
C LYS A 80 -19.99 3.42 -1.79
N VAL A 81 -19.27 2.28 -1.75
CA VAL A 81 -19.25 1.28 -2.81
C VAL A 81 -20.50 0.38 -2.71
N GLU A 82 -20.87 -0.05 -1.48
CA GLU A 82 -22.03 -0.93 -1.23
C GLU A 82 -23.36 -0.25 -1.58
N ASN A 83 -23.53 1.04 -1.20
CA ASN A 83 -24.74 1.84 -1.48
C ASN A 83 -24.92 2.04 -2.99
N ALA A 84 -23.80 2.31 -3.69
CA ALA A 84 -23.75 2.50 -5.13
C ALA A 84 -24.05 1.20 -5.88
N CYS A 85 -23.57 0.05 -5.36
CA CYS A 85 -23.77 -1.29 -5.93
C CYS A 85 -25.25 -1.71 -5.78
N THR A 86 -25.88 -1.41 -4.63
CA THR A 86 -27.29 -1.72 -4.37
C THR A 86 -28.17 -0.92 -5.33
N LYS A 87 -27.71 0.28 -5.77
CA LYS A 87 -28.38 1.14 -6.75
C LYS A 87 -28.35 0.46 -8.13
N LEU A 88 -27.20 -0.16 -8.51
CA LEU A 88 -27.04 -0.90 -9.77
C LEU A 88 -27.96 -2.12 -9.80
N VAL A 89 -28.07 -2.82 -8.64
CA VAL A 89 -28.92 -4.00 -8.45
C VAL A 89 -30.40 -3.57 -8.52
N GLN A 90 -30.77 -2.47 -7.79
CA GLN A 90 -32.12 -1.88 -7.79
C GLN A 90 -32.54 -1.50 -9.21
N ALA A 91 -31.60 -0.88 -9.98
CA ALA A 91 -31.76 -0.45 -11.37
C ALA A 91 -32.03 -1.63 -12.31
N ALA A 92 -31.30 -2.75 -12.14
CA ALA A 92 -31.42 -3.96 -12.95
C ALA A 92 -32.80 -4.63 -12.78
N GLN A 93 -33.36 -4.58 -11.55
CA GLN A 93 -34.66 -5.17 -11.20
C GLN A 93 -35.81 -4.40 -11.84
N MET A 94 -35.73 -3.06 -11.91
CA MET A 94 -36.80 -2.25 -12.49
C MET A 94 -36.73 -2.25 -14.04
N LEU A 95 -35.58 -2.66 -14.62
CA LEU A 95 -35.40 -2.79 -16.06
C LEU A 95 -35.91 -4.16 -16.55
N GLN A 96 -36.24 -5.08 -15.60
CA GLN A 96 -36.81 -6.40 -15.87
C GLN A 96 -38.25 -6.24 -16.34
N SER A 97 -38.97 -5.27 -15.74
CA SER A 97 -40.36 -4.94 -16.05
C SER A 97 -40.47 -4.30 -17.44
N ASP A 98 -39.74 -3.18 -17.64
CA ASP A 98 -39.70 -2.44 -18.91
C ASP A 98 -38.33 -1.74 -19.07
N PRO A 99 -37.57 -2.03 -20.16
CA PRO A 99 -36.25 -1.41 -20.34
C PRO A 99 -36.29 0.10 -20.59
N TYR A 100 -37.47 0.66 -20.90
CA TYR A 100 -37.67 2.09 -21.14
C TYR A 100 -38.13 2.73 -19.83
N SER A 101 -37.14 3.19 -19.03
CA SER A 101 -37.38 3.82 -17.72
C SER A 101 -36.25 4.77 -17.34
N VAL A 102 -36.63 6.01 -17.00
CA VAL A 102 -35.75 7.11 -16.60
C VAL A 102 -35.27 6.93 -15.12
N PRO A 103 -36.09 6.47 -14.14
CA PRO A 103 -35.57 6.33 -12.76
C PRO A 103 -34.47 5.27 -12.63
N ALA A 104 -34.58 4.19 -13.43
CA ALA A 104 -33.60 3.09 -13.48
C ALA A 104 -32.27 3.55 -14.09
N ARG A 105 -32.32 4.53 -15.03
CA ARG A 105 -31.16 5.09 -15.71
C ARG A 105 -30.28 5.90 -14.73
N ASP A 106 -30.90 6.81 -13.94
CA ASP A 106 -30.24 7.67 -12.94
C ASP A 106 -29.53 6.84 -11.87
N TYR A 107 -30.10 5.68 -11.51
CA TYR A 107 -29.56 4.72 -10.54
C TYR A 107 -28.29 4.05 -11.10
N LEU A 108 -28.25 3.81 -12.44
CA LEU A 108 -27.12 3.19 -13.13
C LEU A 108 -25.89 4.14 -13.20
N ILE A 109 -26.16 5.43 -13.49
CA ILE A 109 -25.15 6.49 -13.62
C ILE A 109 -24.52 6.77 -12.23
N ASP A 110 -25.37 7.03 -11.22
CA ASP A 110 -24.95 7.32 -9.85
C ASP A 110 -24.33 6.06 -9.19
N GLY A 111 -24.76 4.88 -9.63
CA GLY A 111 -24.23 3.60 -9.17
C GLY A 111 -22.80 3.38 -9.62
N SER A 112 -22.53 3.53 -10.93
CA SER A 112 -21.19 3.34 -11.50
C SER A 112 -20.19 4.40 -10.99
N ARG A 113 -20.63 5.69 -10.91
CA ARG A 113 -19.84 6.81 -10.40
C ARG A 113 -19.41 6.56 -8.95
N GLY A 114 -20.38 6.19 -8.13
CA GLY A 114 -20.21 5.92 -6.71
C GLY A 114 -19.31 4.75 -6.38
N ILE A 115 -19.22 3.78 -7.32
CA ILE A 115 -18.38 2.60 -7.17
C ILE A 115 -16.96 2.98 -7.55
N LEU A 116 -16.78 3.65 -8.70
CA LEU A 116 -15.46 4.04 -9.23
C LEU A 116 -14.72 4.99 -8.29
N SER A 117 -15.42 6.02 -7.76
CA SER A 117 -14.78 6.97 -6.85
C SER A 117 -14.47 6.26 -5.54
N GLY A 118 -15.40 5.43 -5.08
CA GLY A 118 -15.26 4.63 -3.86
C GLY A 118 -14.08 3.68 -3.87
N THR A 119 -13.86 2.92 -4.96
CA THR A 119 -12.73 1.98 -5.02
C THR A 119 -11.40 2.76 -5.15
N SER A 120 -11.37 3.90 -5.89
CA SER A 120 -10.16 4.71 -6.02
C SER A 120 -9.78 5.34 -4.67
N ASP A 121 -10.80 5.72 -3.87
CA ASP A 121 -10.59 6.28 -2.53
C ASP A 121 -10.03 5.20 -1.61
N LEU A 122 -10.55 3.96 -1.72
CA LEU A 122 -10.15 2.78 -0.95
C LEU A 122 -8.68 2.42 -1.21
N LEU A 123 -8.27 2.44 -2.49
CA LEU A 123 -6.91 2.14 -2.92
C LEU A 123 -5.93 3.15 -2.42
N LEU A 124 -6.27 4.45 -2.48
CA LEU A 124 -5.35 5.49 -2.07
C LEU A 124 -5.14 5.43 -0.56
N THR A 125 -6.22 5.20 0.21
CA THR A 125 -6.21 5.04 1.67
C THR A 125 -5.30 3.86 2.06
N PHE A 126 -5.43 2.73 1.32
CA PHE A 126 -4.63 1.54 1.57
C PHE A 126 -3.14 1.78 1.32
N ASP A 127 -2.77 2.41 0.18
CA ASP A 127 -1.37 2.64 -0.15
C ASP A 127 -0.72 3.62 0.80
N GLU A 128 -1.48 4.58 1.34
CA GLU A 128 -0.97 5.55 2.31
C GLU A 128 -0.60 4.82 3.62
N ALA A 129 -1.44 3.83 4.04
CA ALA A 129 -1.22 2.97 5.22
C ALA A 129 -0.01 2.06 5.02
N GLU A 130 0.21 1.61 3.76
CA GLU A 130 1.32 0.75 3.39
C GLU A 130 2.66 1.47 3.53
N VAL A 131 2.74 2.76 3.11
CA VAL A 131 3.98 3.54 3.20
C VAL A 131 4.29 3.80 4.67
N ARG A 132 3.24 4.03 5.51
CA ARG A 132 3.37 4.16 6.96
C ARG A 132 3.93 2.88 7.57
N LYS A 133 3.45 1.70 7.10
CA LYS A 133 3.89 0.36 7.53
C LYS A 133 5.39 0.18 7.23
N ILE A 134 5.85 0.65 6.05
CA ILE A 134 7.25 0.59 5.65
C ILE A 134 8.08 1.53 6.55
N ILE A 135 7.58 2.75 6.83
CA ILE A 135 8.32 3.69 7.70
C ILE A 135 8.43 3.08 9.13
N ARG A 136 7.38 2.40 9.64
CA ARG A 136 7.39 1.76 10.96
C ARG A 136 8.46 0.65 11.06
N VAL A 137 8.60 -0.19 10.00
CA VAL A 137 9.60 -1.25 9.97
C VAL A 137 10.99 -0.63 10.04
N CYS A 138 11.28 0.38 9.17
CA CYS A 138 12.57 1.07 9.11
C CYS A 138 12.95 1.62 10.46
N LYS A 139 12.02 2.31 11.14
CA LYS A 139 12.23 2.89 12.47
C LYS A 139 12.52 1.79 13.52
N GLY A 140 11.84 0.63 13.36
CA GLY A 140 12.02 -0.56 14.20
C GLY A 140 13.43 -1.11 14.09
N ILE A 141 13.95 -1.20 12.86
CA ILE A 141 15.32 -1.65 12.61
C ILE A 141 16.29 -0.65 13.26
N LEU A 142 15.99 0.64 13.12
CA LEU A 142 16.80 1.70 13.71
C LEU A 142 16.92 1.48 15.20
N GLU A 143 15.78 1.33 15.89
CA GLU A 143 15.72 1.10 17.33
C GLU A 143 16.51 -0.16 17.69
N TYR A 144 16.30 -1.29 16.98
CA TYR A 144 17.05 -2.51 17.29
C TYR A 144 18.56 -2.36 17.02
N LEU A 145 18.97 -1.48 16.10
CA LEU A 145 20.40 -1.28 15.86
C LEU A 145 21.09 -0.65 17.09
N THR A 146 20.39 0.19 17.89
CA THR A 146 20.90 0.80 19.13
C THR A 146 21.17 -0.26 20.20
N VAL A 147 20.53 -1.46 20.09
CA VAL A 147 20.66 -2.58 21.04
C VAL A 147 22.02 -3.34 20.88
N ALA A 148 22.68 -3.24 19.69
CA ALA A 148 23.95 -3.92 19.40
C ALA A 148 25.00 -3.62 20.46
N GLU A 149 24.96 -2.38 21.00
CA GLU A 149 25.88 -1.85 22.02
C GLU A 149 25.88 -2.70 23.31
N VAL A 150 24.73 -3.28 23.71
CA VAL A 150 24.66 -4.08 24.94
C VAL A 150 25.07 -5.56 24.73
N VAL A 151 25.30 -6.02 23.48
CA VAL A 151 25.66 -7.42 23.20
C VAL A 151 27.13 -7.71 23.57
N GLU A 152 27.33 -8.51 24.63
CA GLU A 152 28.69 -8.81 25.11
C GLU A 152 28.97 -10.31 25.24
N THR A 153 28.06 -11.18 24.77
CA THR A 153 28.25 -12.65 24.86
C THR A 153 27.87 -13.30 23.56
N MET A 154 28.40 -14.50 23.31
CA MET A 154 28.08 -15.27 22.11
C MET A 154 26.61 -15.65 22.08
N GLU A 155 26.05 -15.97 23.27
CA GLU A 155 24.63 -16.28 23.43
C GLU A 155 23.77 -15.06 23.03
N ASP A 156 24.12 -13.84 23.50
CA ASP A 156 23.38 -12.63 23.15
C ASP A 156 23.57 -12.28 21.69
N LEU A 157 24.76 -12.55 21.11
CA LEU A 157 25.02 -12.27 19.70
C LEU A 157 24.13 -13.15 18.83
N VAL A 158 24.00 -14.45 19.18
CA VAL A 158 23.09 -15.37 18.47
C VAL A 158 21.67 -14.83 18.59
N THR A 159 21.21 -14.53 19.83
CA THR A 159 19.90 -13.95 20.06
C THR A 159 19.70 -12.72 19.15
N TYR A 160 20.65 -11.78 19.21
CA TYR A 160 20.59 -10.54 18.47
C TYR A 160 20.49 -10.76 16.96
N THR A 161 21.42 -11.54 16.41
CA THR A 161 21.51 -11.77 14.98
C THR A 161 20.26 -12.52 14.48
N LYS A 162 19.70 -13.40 15.29
CA LYS A 162 18.49 -14.12 14.92
C LYS A 162 17.24 -13.24 15.06
N ASN A 163 17.32 -12.12 15.76
CA ASN A 163 16.19 -11.19 15.85
C ASN A 163 16.30 -10.12 14.77
N LEU A 164 17.51 -9.69 14.43
CA LEU A 164 17.77 -8.65 13.44
C LEU A 164 17.54 -9.17 12.02
N GLY A 165 18.08 -10.36 11.70
CA GLY A 165 17.97 -11.01 10.39
C GLY A 165 16.59 -10.92 9.71
N PRO A 166 15.49 -11.39 10.36
CA PRO A 166 14.16 -11.32 9.73
C PRO A 166 13.67 -9.90 9.44
N GLY A 167 13.98 -8.97 10.35
CA GLY A 167 13.59 -7.56 10.21
C GLY A 167 14.25 -6.92 9.00
N MET A 168 15.55 -7.23 8.83
CA MET A 168 16.37 -6.78 7.73
C MET A 168 15.85 -7.32 6.42
N THR A 169 15.36 -8.57 6.45
CA THR A 169 14.79 -9.29 5.32
C THR A 169 13.44 -8.65 4.95
N LYS A 170 12.62 -8.31 5.98
CA LYS A 170 11.31 -7.71 5.81
C LYS A 170 11.47 -6.32 5.19
N MET A 171 12.38 -5.50 5.75
CA MET A 171 12.68 -4.14 5.28
C MET A 171 13.23 -4.13 3.84
N ALA A 172 14.22 -5.00 3.53
CA ALA A 172 14.82 -5.12 2.19
C ALA A 172 13.74 -5.42 1.11
N LYS A 173 12.82 -6.37 1.43
CA LYS A 173 11.72 -6.79 0.58
C LYS A 173 10.80 -5.60 0.35
N MET A 174 10.42 -4.90 1.44
CA MET A 174 9.52 -3.74 1.37
C MET A 174 10.10 -2.65 0.50
N ILE A 175 11.39 -2.33 0.65
CA ILE A 175 12.09 -1.27 -0.08
C ILE A 175 12.28 -1.67 -1.56
N ASP A 176 12.54 -2.96 -1.86
CA ASP A 176 12.68 -3.35 -3.25
C ASP A 176 11.35 -3.20 -3.98
N GLU A 177 10.24 -3.67 -3.36
CA GLU A 177 8.87 -3.55 -3.91
C GLU A 177 8.49 -2.09 -4.09
N ARG A 178 8.80 -1.24 -3.08
CA ARG A 178 8.49 0.18 -3.08
C ARG A 178 9.24 0.98 -4.12
N GLN A 179 10.57 0.80 -4.25
CA GLN A 179 11.37 1.57 -5.20
C GLN A 179 10.90 1.29 -6.62
N GLN A 180 10.50 0.04 -6.92
CA GLN A 180 10.02 -0.39 -8.23
C GLN A 180 8.69 0.26 -8.59
N GLU A 181 7.96 0.77 -7.59
CA GLU A 181 6.64 1.40 -7.71
C GLU A 181 6.68 2.93 -7.91
N LEU A 182 7.81 3.56 -7.61
CA LEU A 182 8.00 5.01 -7.70
C LEU A 182 8.17 5.49 -9.15
N THR A 183 7.63 6.71 -9.44
CA THR A 183 7.69 7.37 -10.76
C THR A 183 8.91 8.34 -10.87
N HIS A 184 9.46 8.75 -9.73
CA HIS A 184 10.66 9.59 -9.68
C HIS A 184 11.88 8.69 -9.67
N GLN A 185 12.59 8.65 -10.80
CA GLN A 185 13.77 7.79 -10.98
C GLN A 185 14.88 8.15 -9.99
N GLU A 186 15.02 9.44 -9.63
CA GLU A 186 16.09 9.81 -8.72
C GLU A 186 15.75 9.39 -7.29
N HIS A 187 14.46 9.24 -6.97
CA HIS A 187 14.05 8.76 -5.65
C HIS A 187 14.40 7.28 -5.55
N ARG A 188 14.18 6.49 -6.63
CA ARG A 188 14.49 5.05 -6.73
C ARG A 188 15.97 4.80 -6.47
N VAL A 189 16.84 5.65 -7.08
CA VAL A 189 18.30 5.61 -6.99
C VAL A 189 18.72 5.78 -5.51
N MET A 190 18.11 6.76 -4.80
CA MET A 190 18.38 7.03 -3.38
C MET A 190 18.02 5.82 -2.52
N LEU A 191 16.83 5.19 -2.78
CA LEU A 191 16.41 4.02 -2.01
C LEU A 191 17.29 2.79 -2.29
N VAL A 192 17.63 2.53 -3.56
CA VAL A 192 18.44 1.38 -3.94
C VAL A 192 19.84 1.50 -3.33
N ASN A 193 20.49 2.66 -3.51
CA ASN A 193 21.82 2.94 -3.00
C ASN A 193 21.89 2.85 -1.48
N SER A 194 20.86 3.35 -0.77
CA SER A 194 20.83 3.31 0.68
C SER A 194 20.66 1.89 1.16
N MET A 195 19.73 1.14 0.52
CA MET A 195 19.47 -0.27 0.84
C MET A 195 20.68 -1.16 0.48
N ASN A 196 21.46 -0.78 -0.55
CA ASN A 196 22.67 -1.50 -0.94
C ASN A 196 23.71 -1.45 0.17
N THR A 197 23.96 -0.23 0.71
CA THR A 197 24.89 0.02 1.81
C THR A 197 24.48 -0.78 3.06
N VAL A 198 23.18 -0.77 3.42
CA VAL A 198 22.63 -1.51 4.57
C VAL A 198 22.88 -3.00 4.35
N LYS A 199 22.50 -3.54 3.18
CA LYS A 199 22.72 -4.95 2.82
C LYS A 199 24.21 -5.32 2.92
N GLU A 200 25.12 -4.44 2.44
CA GLU A 200 26.57 -4.64 2.43
C GLU A 200 27.21 -4.52 3.83
N LEU A 201 26.71 -3.61 4.65
CA LEU A 201 27.22 -3.39 6.01
C LEU A 201 26.66 -4.39 7.05
N LEU A 202 25.56 -5.11 6.73
CA LEU A 202 24.96 -6.08 7.67
C LEU A 202 25.99 -7.20 8.05
N PRO A 203 26.71 -7.88 7.13
CA PRO A 203 27.73 -8.85 7.59
C PRO A 203 28.90 -8.17 8.32
N VAL A 204 29.23 -6.90 7.98
CA VAL A 204 30.29 -6.11 8.62
C VAL A 204 29.91 -5.90 10.10
N LEU A 205 28.62 -5.56 10.37
CA LEU A 205 28.13 -5.37 11.74
C LEU A 205 28.37 -6.62 12.56
N ILE A 206 27.95 -7.79 12.06
CA ILE A 206 28.09 -9.09 12.74
C ILE A 206 29.56 -9.39 13.02
N SER A 207 30.42 -9.28 11.99
CA SER A 207 31.88 -9.47 12.09
C SER A 207 32.46 -8.62 13.24
N ALA A 208 32.09 -7.30 13.29
CA ALA A 208 32.54 -6.36 14.31
C ALA A 208 32.07 -6.79 15.71
N MET A 209 30.79 -7.20 15.83
CA MET A 209 30.19 -7.66 17.08
C MET A 209 30.89 -8.95 17.55
N LYS A 210 31.20 -9.84 16.60
CA LYS A 210 31.89 -11.10 16.87
C LYS A 210 33.29 -10.82 17.43
N ILE A 211 34.02 -9.85 16.83
CA ILE A 211 35.36 -9.46 17.28
C ILE A 211 35.26 -8.83 18.68
N PHE A 212 34.25 -7.97 18.90
CA PHE A 212 34.01 -7.32 20.20
C PHE A 212 33.76 -8.36 21.30
N VAL A 213 32.84 -9.34 21.09
CA VAL A 213 32.51 -10.36 22.10
C VAL A 213 33.73 -11.21 22.39
N THR A 214 34.49 -11.63 21.35
CA THR A 214 35.68 -12.47 21.52
C THR A 214 36.78 -11.70 22.26
N THR A 215 36.89 -10.36 22.10
CA THR A 215 37.91 -9.59 22.82
C THR A 215 37.46 -9.30 24.25
N LYS A 216 36.16 -8.94 24.47
CA LYS A 216 35.56 -8.64 25.78
C LYS A 216 35.82 -9.82 26.74
N ASN A 217 35.23 -10.98 26.42
CA ASN A 217 35.40 -12.24 27.15
C ASN A 217 35.91 -13.27 26.14
N SER A 218 37.25 -13.42 25.99
CA SER A 218 38.31 -12.77 26.76
C SER A 218 39.58 -12.54 25.88
N LYS A 219 40.50 -11.58 26.20
CA LYS A 219 40.52 -10.58 27.27
C LYS A 219 41.38 -9.38 26.85
N ASN A 220 41.00 -8.18 27.33
CA ASN A 220 41.65 -6.87 27.10
C ASN A 220 41.76 -6.53 25.59
N GLN A 221 42.78 -5.72 25.22
CA GLN A 221 43.13 -5.19 23.90
C GLN A 221 42.88 -6.18 22.73
N GLY A 222 42.26 -5.71 21.63
CA GLY A 222 41.82 -4.33 21.45
C GLY A 222 40.31 -4.14 21.45
N ILE A 223 39.73 -3.86 22.65
CA ILE A 223 38.29 -3.64 22.84
C ILE A 223 37.89 -2.25 22.26
N GLU A 224 38.81 -1.25 22.28
CA GLU A 224 38.56 0.10 21.77
C GLU A 224 38.37 0.12 20.25
N GLU A 225 39.24 -0.57 19.50
CA GLU A 225 39.21 -0.66 18.04
C GLU A 225 37.94 -1.40 17.60
N ALA A 226 37.59 -2.51 18.29
CA ALA A 226 36.41 -3.35 18.04
C ALA A 226 35.15 -2.55 18.28
N LEU A 227 35.11 -1.79 19.41
CA LEU A 227 34.05 -0.87 19.81
C LEU A 227 33.84 0.19 18.74
N LYS A 228 34.95 0.89 18.34
CA LYS A 228 34.99 1.91 17.31
C LYS A 228 34.35 1.39 16.01
N ASN A 229 34.81 0.20 15.52
CA ASN A 229 34.31 -0.42 14.30
C ASN A 229 32.80 -0.74 14.40
N ARG A 230 32.35 -1.28 15.54
CA ARG A 230 30.93 -1.62 15.72
C ARG A 230 30.05 -0.36 15.67
N ASN A 231 30.40 0.63 16.49
CA ASN A 231 29.72 1.92 16.59
C ASN A 231 29.64 2.63 15.23
N PHE A 232 30.77 2.69 14.48
CA PHE A 232 30.82 3.27 13.13
C PHE A 232 29.82 2.61 12.20
N THR A 233 29.83 1.25 12.14
CA THR A 233 28.95 0.45 11.28
C THR A 233 27.48 0.76 11.60
N VAL A 234 27.11 0.75 12.91
CA VAL A 234 25.75 1.09 13.39
C VAL A 234 25.37 2.53 12.96
N GLU A 235 26.29 3.49 13.11
CA GLU A 235 26.07 4.89 12.75
C GLU A 235 25.86 5.04 11.22
N LYS A 236 26.71 4.38 10.38
CA LYS A 236 26.58 4.45 8.93
C LYS A 236 25.27 3.79 8.48
N MET A 237 24.96 2.59 9.01
CA MET A 237 23.72 1.87 8.72
C MET A 237 22.51 2.70 9.14
N SER A 238 22.58 3.34 10.32
CA SER A 238 21.47 4.16 10.82
C SER A 238 21.22 5.38 9.92
N ALA A 239 22.30 6.05 9.45
CA ALA A 239 22.22 7.22 8.58
C ALA A 239 21.54 6.86 7.26
N GLU A 240 21.84 5.67 6.69
CA GLU A 240 21.25 5.19 5.45
C GLU A 240 19.76 4.83 5.59
N ILE A 241 19.39 4.18 6.74
CA ILE A 241 18.00 3.81 7.00
C ILE A 241 17.18 5.10 7.15
N ASN A 242 17.75 6.11 7.80
CA ASN A 242 17.13 7.41 7.96
C ASN A 242 17.00 8.13 6.60
N GLU A 243 17.91 7.85 5.67
CA GLU A 243 17.85 8.41 4.32
C GLU A 243 16.62 7.83 3.61
N ILE A 244 16.37 6.49 3.78
CA ILE A 244 15.23 5.76 3.22
C ILE A 244 13.92 6.37 3.73
N ILE A 245 13.80 6.56 5.06
CA ILE A 245 12.61 7.09 5.74
C ILE A 245 12.29 8.46 5.17
N ARG A 246 13.29 9.34 5.15
CA ARG A 246 13.18 10.72 4.68
C ARG A 246 12.70 10.81 3.23
N VAL A 247 13.16 9.92 2.32
CA VAL A 247 12.72 9.89 0.92
C VAL A 247 11.27 9.46 0.89
N LEU A 248 10.91 8.44 1.70
CA LEU A 248 9.54 7.96 1.76
C LEU A 248 8.61 9.00 2.38
N GLN A 249 9.12 9.84 3.30
CA GLN A 249 8.34 10.91 3.95
C GLN A 249 8.20 12.13 3.04
N LEU A 250 9.19 12.40 2.18
CA LEU A 250 9.12 13.53 1.25
C LEU A 250 7.85 13.38 0.43
N THR A 251 7.68 12.17 -0.12
CA THR A 251 6.57 11.74 -0.97
C THR A 251 5.22 11.70 -0.18
N SER A 252 5.11 10.78 0.79
CA SER A 252 3.90 10.46 1.51
C SER A 252 3.34 11.49 2.50
N TRP A 253 4.10 12.50 2.94
CA TRP A 253 3.58 13.40 3.98
C TRP A 253 2.27 14.12 3.64
N ASP A 254 1.31 13.91 4.56
CA ASP A 254 -0.08 14.37 4.58
C ASP A 254 -0.32 15.36 5.75
N GLU A 255 -1.47 16.08 5.72
CA GLU A 255 -1.88 17.09 6.69
C GLU A 255 -2.50 16.47 7.99
N ASP A 256 -2.27 17.07 9.19
CA ASP A 256 -1.55 18.34 9.42
C ASP A 256 -0.02 18.16 9.56
N ALA A 257 0.74 19.29 9.46
CA ALA A 257 2.20 19.44 9.51
C ALA A 257 2.83 18.90 8.23
N ASP B 1 -1.05 -7.57 -2.78
CA ASP B 1 -1.74 -7.05 -3.95
C ASP B 1 -3.19 -7.59 -4.03
N ASP B 2 -3.72 -8.18 -2.94
CA ASP B 2 -5.10 -8.69 -2.91
C ASP B 2 -6.10 -7.54 -3.08
N ILE B 3 -5.94 -6.42 -2.33
CA ILE B 3 -6.83 -5.26 -2.45
C ILE B 3 -6.69 -4.64 -3.85
N TYR B 4 -5.45 -4.50 -4.37
CA TYR B 4 -5.15 -3.93 -5.70
C TYR B 4 -5.81 -4.77 -6.80
N ASN B 5 -5.69 -6.10 -6.71
CA ASN B 5 -6.31 -7.01 -7.67
C ASN B 5 -7.83 -7.01 -7.54
N LYS B 6 -8.35 -6.93 -6.30
CA LYS B 6 -9.79 -6.90 -6.06
C LYS B 6 -10.39 -5.62 -6.61
N ALA B 7 -9.70 -4.48 -6.44
CA ALA B 7 -10.12 -3.17 -6.97
C ALA B 7 -10.12 -3.16 -8.49
N ARG B 8 -9.12 -3.81 -9.11
CA ARG B 8 -8.93 -3.94 -10.56
C ARG B 8 -10.10 -4.68 -11.20
N GLU B 9 -10.59 -5.73 -10.51
CA GLU B 9 -11.70 -6.54 -10.99
C GLU B 9 -13.02 -5.77 -10.90
N VAL B 10 -13.15 -4.86 -9.91
CA VAL B 10 -14.32 -4.03 -9.71
C VAL B 10 -14.43 -3.03 -10.88
N ILE B 11 -13.34 -2.28 -11.17
CA ILE B 11 -13.26 -1.32 -12.27
C ILE B 11 -13.58 -2.05 -13.59
N ASN B 12 -13.06 -3.28 -13.75
CA ASN B 12 -13.30 -4.11 -14.94
C ASN B 12 -14.77 -4.52 -15.06
N ALA B 13 -15.44 -4.85 -13.93
CA ALA B 13 -16.85 -5.27 -13.93
C ALA B 13 -17.82 -4.10 -14.22
N VAL B 14 -17.41 -2.87 -13.89
CA VAL B 14 -18.22 -1.65 -14.11
C VAL B 14 -18.17 -1.25 -15.60
N ASN B 15 -17.06 -1.56 -16.32
CA ASN B 15 -16.87 -1.23 -17.74
C ASN B 15 -18.07 -1.67 -18.62
N PRO B 16 -18.59 -2.94 -18.57
CA PRO B 16 -19.75 -3.31 -19.40
C PRO B 16 -21.04 -2.53 -19.08
N VAL B 17 -21.17 -2.01 -17.85
CA VAL B 17 -22.36 -1.24 -17.43
C VAL B 17 -22.29 0.16 -18.08
N ILE B 18 -21.07 0.70 -18.29
CA ILE B 18 -20.83 2.01 -18.91
C ILE B 18 -21.20 1.96 -20.39
N GLU B 19 -20.61 1.02 -21.16
CA GLU B 19 -20.85 0.85 -22.60
C GLU B 19 -22.32 0.53 -22.92
N ALA B 20 -23.06 -0.02 -21.93
CA ALA B 20 -24.49 -0.32 -22.06
C ALA B 20 -25.30 0.98 -21.98
N LEU B 21 -24.86 1.95 -21.14
CA LEU B 21 -25.50 3.27 -21.00
C LEU B 21 -25.24 4.11 -22.26
N GLU B 22 -24.00 4.03 -22.78
CA GLU B 22 -23.49 4.76 -23.94
C GLU B 22 -24.04 4.24 -25.28
N LYS B 23 -24.68 3.04 -25.28
CA LYS B 23 -25.29 2.34 -26.42
C LYS B 23 -24.24 2.08 -27.53
#